data_8FG5
#
_entry.id   8FG5
#
_cell.length_a   60.040
_cell.length_b   42.250
_cell.length_c   67.410
_cell.angle_alpha   90.000
_cell.angle_beta   95.180
_cell.angle_gamma   90.000
#
_symmetry.space_group_name_H-M   'P 1 21 1'
#
loop_
_entity.id
_entity.type
_entity.pdbx_description
1 polymer 'Acidic mammalian chitinase'
2 non-polymer 'MAGNESIUM ION'
3 water water
#
_entity_poly.entity_id   1
_entity_poly.type   'polypeptide(L)'
_entity_poly.pdbx_seq_one_letter_code
;MAKLLLVTGLALLLNAQLGSAYNLICYFTNWAQYRPGLGSFKPDDINPCLCTHLIYAFAGMQNNEITTIEWNDVTLYKAF
NDLKNRNSKLKTLLAIGGWNFGTAPFTTMVSTSQNRQTFITSVIKFLRQYGFDGLDLDWEYPGSRGSPPQDKHLFTVLVK
EMREAFEQEAIESNRPRLMVTAAVAGGISNIQAGYEIPELSKYLDFIHVMTYDLHGSWEGYTGENSPLYKYPTETGSNAY
LNVDYVMNYWKNNGAPAEKLIVGFPEYGHTFILRNPSDNGIGAPTSGDGPAGPYTRQAGFWAYYEICTFLRSGATEVWDA
SQEVPYAYKANEWLGYDNIKSFSVKAQWLKQNNFGGAMIWAIDLDDFTGSFCDQGKFPLTSTLNKALGISTHHHHHH
;
_entity_poly.pdbx_strand_id   A
#
loop_
_chem_comp.id
_chem_comp.type
_chem_comp.name
_chem_comp.formula
MG non-polymer 'MAGNESIUM ION' 'Mg 2'
#
# COMPACT_ATOMS: atom_id res chain seq x y z
N TYR A 22 0.76 -11.61 13.37
CA TYR A 22 0.79 -10.91 12.09
C TYR A 22 0.37 -9.47 12.25
N ASN A 23 0.87 -8.61 11.37
CA ASN A 23 0.47 -7.21 11.33
C ASN A 23 -0.47 -6.99 10.15
N LEU A 24 -1.34 -5.99 10.30
CA LEU A 24 -2.23 -5.55 9.24
C LEU A 24 -2.10 -4.04 9.16
N ILE A 25 -1.44 -3.57 8.10
CA ILE A 25 -1.10 -2.16 7.93
C ILE A 25 -2.10 -1.56 6.97
N CYS A 26 -2.73 -0.46 7.36
CA CYS A 26 -3.80 0.13 6.57
C CYS A 26 -3.42 1.54 6.19
N TYR A 27 -3.24 1.78 4.89
CA TYR A 27 -3.01 3.13 4.39
C TYR A 27 -4.31 3.90 4.31
N PHE A 28 -4.26 5.16 4.75
CA PHE A 28 -5.33 6.12 4.65
C PHE A 28 -4.80 7.27 3.81
N THR A 29 -5.62 7.76 2.87
CA THR A 29 -5.17 8.84 1.98
C THR A 29 -5.89 10.14 2.30
N ASN A 30 -5.12 11.23 2.36
CA ASN A 30 -5.65 12.52 2.76
C ASN A 30 -6.39 13.26 1.64
N TRP A 31 -6.58 12.63 0.49
CA TRP A 31 -7.44 13.18 -0.55
C TRP A 31 -8.76 12.44 -0.69
N ALA A 32 -8.94 11.33 0.04
CA ALA A 32 -10.23 10.65 0.00
C ALA A 32 -11.36 11.55 0.50
N GLN A 33 -11.03 12.52 1.36
CA GLN A 33 -12.03 13.41 1.93
C GLN A 33 -12.77 14.19 0.87
N TYR A 34 -12.15 14.41 -0.29
CA TYR A 34 -12.73 15.27 -1.30
C TYR A 34 -13.73 14.53 -2.19
N ARG A 35 -13.81 13.22 -2.08
CA ARG A 35 -14.72 12.46 -2.94
C ARG A 35 -16.15 12.83 -2.57
N PRO A 36 -17.05 12.83 -3.55
CA PRO A 36 -18.41 13.30 -3.29
C PRO A 36 -19.20 12.30 -2.46
N GLY A 37 -20.14 12.85 -1.70
CA GLY A 37 -21.14 12.03 -1.02
C GLY A 37 -20.57 10.88 -0.21
N LEU A 38 -21.10 9.68 -0.47
CA LEU A 38 -20.71 8.50 0.31
C LEU A 38 -19.25 8.12 0.14
N GLY A 39 -18.55 8.70 -0.84
CA GLY A 39 -17.13 8.41 -1.00
C GLY A 39 -16.23 9.17 -0.05
N SER A 40 -16.69 10.26 0.54
CA SER A 40 -15.82 11.04 1.41
C SER A 40 -15.42 10.23 2.63
N PHE A 41 -14.11 10.18 2.90
CA PHE A 41 -13.57 9.38 3.99
C PHE A 41 -12.51 10.17 4.72
N LYS A 42 -12.66 10.25 6.04
CA LYS A 42 -11.74 10.95 6.94
C LYS A 42 -11.36 10.02 8.08
N PRO A 43 -10.39 10.42 8.92
CA PRO A 43 -9.89 9.45 9.91
C PRO A 43 -10.93 8.91 10.88
N ASP A 44 -11.92 9.71 11.27
N ASP A 44 -11.92 9.71 11.25
N ASP A 44 -11.92 9.71 11.27
CA ASP A 44 -12.92 9.21 12.21
CA ASP A 44 -12.94 9.23 12.19
CA ASP A 44 -12.92 9.21 12.21
C ASP A 44 -13.84 8.16 11.60
C ASP A 44 -13.82 8.14 11.60
C ASP A 44 -13.82 8.15 11.61
N ASP A 45 -13.73 7.90 10.29
CA ASP A 45 -14.44 6.80 9.67
C ASP A 45 -13.68 5.48 9.80
N ILE A 46 -12.43 5.52 10.28
CA ILE A 46 -11.64 4.31 10.44
C ILE A 46 -12.07 3.56 11.69
N ASN A 47 -12.35 2.28 11.54
CA ASN A 47 -12.55 1.42 12.70
C ASN A 47 -11.21 1.23 13.39
N PRO A 48 -11.02 1.71 14.61
CA PRO A 48 -9.69 1.63 15.24
C PRO A 48 -9.22 0.21 15.55
N CYS A 49 -10.09 -0.79 15.48
CA CYS A 49 -9.72 -2.15 15.86
C CYS A 49 -9.40 -3.03 14.65
N LEU A 50 -9.59 -2.53 13.42
CA LEU A 50 -9.41 -3.38 12.25
C LEU A 50 -7.94 -3.68 11.98
N CYS A 51 -7.06 -2.71 12.16
CA CYS A 51 -5.68 -2.82 11.74
C CYS A 51 -4.77 -2.77 12.96
N THR A 52 -3.52 -3.21 12.78
CA THR A 52 -2.52 -3.02 13.82
C THR A 52 -1.78 -1.71 13.65
N HIS A 53 -1.65 -1.23 12.42
CA HIS A 53 -0.96 0.00 12.11
C HIS A 53 -1.76 0.76 11.08
N LEU A 54 -1.85 2.07 11.24
CA LEU A 54 -2.44 2.95 10.26
C LEU A 54 -1.35 3.86 9.72
N ILE A 55 -1.32 4.05 8.42
CA ILE A 55 -0.32 4.88 7.77
C ILE A 55 -1.01 6.01 7.02
N TYR A 56 -0.61 7.23 7.32
CA TYR A 56 -1.20 8.44 6.75
C TYR A 56 -0.44 8.85 5.48
N ALA A 57 -1.10 8.78 4.34
CA ALA A 57 -0.52 9.15 3.05
C ALA A 57 -1.15 10.45 2.60
N PHE A 58 -0.34 11.50 2.35
CA PHE A 58 1.10 11.64 2.40
C PHE A 58 1.48 12.97 3.00
N ALA A 59 2.67 13.01 3.60
CA ALA A 59 3.38 14.24 3.88
C ALA A 59 4.27 14.59 2.68
N GLY A 60 4.69 15.85 2.63
CA GLY A 60 5.62 16.36 1.64
C GLY A 60 6.95 16.76 2.25
N MET A 61 7.72 17.50 1.49
CA MET A 61 9.05 17.93 1.90
C MET A 61 9.34 19.26 1.25
N GLN A 62 9.85 20.22 2.04
CA GLN A 62 10.27 21.52 1.51
C GLN A 62 11.57 21.88 2.19
N ASN A 63 12.59 22.23 1.39
CA ASN A 63 13.89 22.60 1.91
C ASN A 63 14.43 21.54 2.87
N ASN A 64 14.23 20.28 2.50
CA ASN A 64 14.75 19.12 3.24
C ASN A 64 14.07 18.87 4.57
N GLU A 65 12.89 19.44 4.79
CA GLU A 65 12.12 19.22 6.00
C GLU A 65 10.73 18.69 5.67
N ILE A 66 10.25 17.76 6.49
CA ILE A 66 8.92 17.19 6.28
C ILE A 66 7.85 18.25 6.52
N THR A 67 6.77 18.20 5.73
CA THR A 67 5.70 19.18 5.85
C THR A 67 4.37 18.56 5.47
N THR A 68 3.32 19.33 5.73
CA THR A 68 1.97 18.96 5.33
C THR A 68 1.79 19.17 3.82
N ILE A 69 0.65 18.70 3.30
CA ILE A 69 0.27 18.90 1.91
C ILE A 69 -1.13 19.49 1.76
N GLU A 70 -2.12 18.87 2.40
CA GLU A 70 -3.50 19.30 2.25
C GLU A 70 -3.83 20.38 3.28
N TRP A 71 -4.81 21.22 2.94
CA TRP A 71 -5.12 22.40 3.72
C TRP A 71 -5.47 22.08 5.17
N ASN A 72 -6.09 20.91 5.43
CA ASN A 72 -6.55 20.54 6.75
C ASN A 72 -5.76 19.37 7.34
N ASP A 73 -4.54 19.11 6.86
CA ASP A 73 -3.75 18.01 7.39
C ASP A 73 -3.57 18.09 8.91
N VAL A 74 -3.35 19.31 9.44
CA VAL A 74 -3.14 19.41 10.89
C VAL A 74 -4.34 18.86 11.65
N THR A 75 -5.55 19.18 11.19
CA THR A 75 -6.75 18.67 11.81
C THR A 75 -6.89 17.18 11.62
N LEU A 76 -6.59 16.69 10.42
CA LEU A 76 -6.73 15.26 10.16
C LEU A 76 -5.69 14.45 10.92
N TYR A 77 -4.47 14.98 11.08
CA TYR A 77 -3.45 14.28 11.86
C TYR A 77 -3.97 14.04 13.27
N LYS A 78 -4.60 15.05 13.85
CA LYS A 78 -5.08 14.90 15.21
C LYS A 78 -6.17 13.83 15.30
N ALA A 79 -7.10 13.84 14.34
CA ALA A 79 -8.16 12.83 14.36
C ALA A 79 -7.58 11.43 14.14
N PHE A 80 -6.60 11.33 13.26
CA PHE A 80 -5.96 10.06 12.95
C PHE A 80 -5.26 9.49 14.19
N ASN A 81 -4.44 10.30 14.84
CA ASN A 81 -3.71 9.79 15.99
C ASN A 81 -4.59 9.64 17.22
N ASP A 82 -5.73 10.33 17.26
CA ASP A 82 -6.69 10.12 18.33
C ASP A 82 -7.35 8.75 18.25
N LEU A 83 -7.30 8.08 17.10
CA LEU A 83 -7.84 6.72 17.02
C LEU A 83 -7.15 5.80 18.02
N LYS A 84 -5.88 6.08 18.35
CA LYS A 84 -5.16 5.25 19.31
C LYS A 84 -5.75 5.32 20.70
N ASN A 85 -6.55 6.35 21.01
CA ASN A 85 -7.22 6.38 22.30
C ASN A 85 -8.31 5.33 22.41
N ARG A 86 -8.74 4.76 21.29
CA ARG A 86 -9.75 3.70 21.27
C ARG A 86 -9.16 2.32 21.06
N ASN A 87 -7.84 2.21 20.90
CA ASN A 87 -7.18 0.91 20.74
C ASN A 87 -5.75 1.06 21.24
N SER A 88 -5.47 0.55 22.43
CA SER A 88 -4.17 0.74 23.06
C SER A 88 -3.04 0.03 22.31
N LYS A 89 -3.35 -0.92 21.45
CA LYS A 89 -2.33 -1.60 20.67
C LYS A 89 -2.00 -0.87 19.37
N LEU A 90 -2.87 0.01 18.91
CA LEU A 90 -2.74 0.60 17.58
C LEU A 90 -1.52 1.53 17.49
N LYS A 91 -0.83 1.46 16.37
CA LYS A 91 0.27 2.38 16.08
C LYS A 91 -0.02 3.10 14.78
N THR A 92 0.51 4.32 14.65
CA THR A 92 0.33 5.10 13.43
C THR A 92 1.69 5.49 12.87
N LEU A 93 1.73 5.65 11.55
CA LEU A 93 2.91 6.14 10.86
C LEU A 93 2.47 7.20 9.87
N LEU A 94 3.39 8.10 9.55
CA LEU A 94 3.20 9.10 8.51
C LEU A 94 4.04 8.71 7.31
N ALA A 95 3.42 8.61 6.15
CA ALA A 95 4.13 8.30 4.92
C ALA A 95 4.52 9.57 4.19
N ILE A 96 5.72 9.58 3.66
CA ILE A 96 6.22 10.71 2.90
C ILE A 96 6.51 10.26 1.49
N GLY A 97 6.08 11.06 0.51
CA GLY A 97 6.35 10.77 -0.87
C GLY A 97 5.13 10.36 -1.68
N GLY A 98 5.19 9.18 -2.29
CA GLY A 98 4.16 8.71 -3.18
C GLY A 98 4.50 8.97 -4.64
N TRP A 99 3.64 8.46 -5.52
CA TRP A 99 3.93 8.51 -6.95
C TRP A 99 4.05 9.95 -7.46
N ASN A 100 3.03 10.77 -7.19
CA ASN A 100 3.00 12.12 -7.73
C ASN A 100 4.16 12.96 -7.23
N PHE A 101 4.61 12.71 -6.00
CA PHE A 101 5.69 13.50 -5.42
C PHE A 101 6.97 13.35 -6.21
N GLY A 102 7.18 12.21 -6.85
CA GLY A 102 8.36 12.05 -7.65
C GLY A 102 9.61 11.89 -6.79
N THR A 103 10.76 12.16 -7.41
CA THR A 103 12.03 11.81 -6.80
C THR A 103 12.91 13.00 -6.47
N ALA A 104 12.74 14.15 -7.13
CA ALA A 104 13.71 15.23 -6.99
C ALA A 104 13.93 15.67 -5.54
N PRO A 105 12.89 15.87 -4.71
CA PRO A 105 13.17 16.27 -3.32
C PRO A 105 13.95 15.24 -2.55
N PHE A 106 13.69 13.95 -2.79
CA PHE A 106 14.44 12.91 -2.12
C PHE A 106 15.91 12.91 -2.57
N THR A 107 16.16 13.04 -3.88
CA THR A 107 17.53 13.09 -4.38
C THR A 107 18.30 14.22 -3.72
N THR A 108 17.71 15.40 -3.66
CA THR A 108 18.40 16.52 -3.01
C THR A 108 18.63 16.23 -1.53
N MET A 109 17.62 15.70 -0.85
CA MET A 109 17.74 15.50 0.58
C MET A 109 18.82 14.48 0.93
N VAL A 110 18.95 13.39 0.17
CA VAL A 110 19.93 12.38 0.54
C VAL A 110 21.33 12.70 0.04
N SER A 111 21.49 13.74 -0.78
CA SER A 111 22.76 14.02 -1.46
C SER A 111 23.86 14.46 -0.52
N THR A 112 23.54 14.98 0.66
CA THR A 112 24.57 15.45 1.58
C THR A 112 24.20 15.03 3.01
N SER A 113 25.22 14.85 3.83
CA SER A 113 24.94 14.52 5.23
C SER A 113 24.20 15.66 5.94
N GLN A 114 24.54 16.91 5.62
CA GLN A 114 23.80 18.02 6.20
C GLN A 114 22.31 17.92 5.89
N ASN A 115 21.96 17.61 4.65
CA ASN A 115 20.55 17.59 4.29
C ASN A 115 19.83 16.42 4.91
N ARG A 116 20.52 15.28 5.02
CA ARG A 116 19.91 14.13 5.68
C ARG A 116 19.68 14.42 7.15
N GLN A 117 20.63 15.11 7.80
CA GLN A 117 20.45 15.42 9.20
C GLN A 117 19.31 16.42 9.39
N THR A 118 19.24 17.44 8.52
CA THR A 118 18.12 18.38 8.59
C THR A 118 16.80 17.64 8.47
N PHE A 119 16.73 16.70 7.54
CA PHE A 119 15.50 15.96 7.34
C PHE A 119 15.16 15.09 8.54
N ILE A 120 16.13 14.32 9.04
CA ILE A 120 15.87 13.43 10.18
C ILE A 120 15.46 14.22 11.40
N THR A 121 16.15 15.31 11.68
CA THR A 121 15.75 16.16 12.80
C THR A 121 14.32 16.66 12.62
N SER A 122 13.96 17.07 11.40
CA SER A 122 12.61 17.57 11.17
C SER A 122 11.59 16.46 11.36
N VAL A 123 11.93 15.23 10.98
CA VAL A 123 11.02 14.11 11.09
C VAL A 123 10.74 13.79 12.55
N ILE A 124 11.79 13.70 13.37
CA ILE A 124 11.57 13.42 14.78
C ILE A 124 10.62 14.47 15.36
N LYS A 125 10.91 15.73 15.09
CA LYS A 125 10.09 16.80 15.66
C LYS A 125 8.65 16.72 15.17
N PHE A 126 8.45 16.42 13.89
CA PHE A 126 7.12 16.44 13.29
C PHE A 126 6.30 15.26 13.80
N LEU A 127 6.92 14.07 13.83
CA LEU A 127 6.18 12.90 14.32
C LEU A 127 5.80 13.07 15.78
N ARG A 128 6.72 13.57 16.61
CA ARG A 128 6.40 13.78 18.00
C ARG A 128 5.39 14.90 18.18
N GLN A 129 5.47 15.95 17.36
CA GLN A 129 4.54 17.07 17.49
C GLN A 129 3.11 16.62 17.30
N TYR A 130 2.87 15.72 16.34
CA TYR A 130 1.52 15.38 15.95
C TYR A 130 1.04 14.02 16.46
N GLY A 131 1.91 13.25 17.09
CA GLY A 131 1.51 12.02 17.72
C GLY A 131 1.64 10.77 16.89
N PHE A 132 2.55 10.76 15.91
CA PHE A 132 2.80 9.57 15.09
C PHE A 132 3.87 8.71 15.75
N ASP A 133 3.83 7.40 15.47
CA ASP A 133 4.77 6.44 15.99
C ASP A 133 5.88 6.06 15.03
N GLY A 134 5.93 6.66 13.85
CA GLY A 134 6.99 6.32 12.90
C GLY A 134 6.76 6.98 11.56
N LEU A 135 7.74 6.75 10.69
CA LEU A 135 7.76 7.29 9.34
C LEU A 135 7.81 6.14 8.34
N ASP A 136 6.98 6.21 7.33
CA ASP A 136 7.00 5.29 6.20
C ASP A 136 7.56 6.06 5.00
N LEU A 137 8.73 5.66 4.54
CA LEU A 137 9.34 6.26 3.36
C LEU A 137 8.70 5.66 2.12
N ASP A 138 8.09 6.52 1.29
N ASP A 138 8.09 6.51 1.27
CA ASP A 138 7.49 6.08 0.03
CA ASP A 138 7.49 6.05 0.03
C ASP A 138 8.12 6.81 -1.15
C ASP A 138 8.12 6.79 -1.14
N TRP A 139 9.42 6.64 -1.30
CA TRP A 139 10.13 7.22 -2.44
C TRP A 139 9.95 6.31 -3.65
N GLU A 140 9.31 6.81 -4.68
CA GLU A 140 9.03 6.03 -5.89
C GLU A 140 9.80 6.62 -7.07
N TYR A 141 11.03 6.15 -7.30
CA TYR A 141 11.80 5.15 -6.57
C TYR A 141 13.26 5.58 -6.61
N PRO A 142 14.07 5.18 -5.64
CA PRO A 142 15.50 5.46 -5.73
C PRO A 142 16.05 4.82 -7.01
N GLY A 143 16.88 5.56 -7.74
CA GLY A 143 17.47 5.04 -8.95
C GLY A 143 16.57 5.00 -10.18
N SER A 144 15.33 5.47 -10.09
CA SER A 144 14.43 5.52 -11.24
C SER A 144 13.72 6.86 -11.26
N ARG A 145 12.94 7.09 -12.33
CA ARG A 145 12.13 8.30 -12.47
C ARG A 145 12.93 9.55 -12.17
N GLY A 146 14.13 9.63 -12.76
CA GLY A 146 14.98 10.79 -12.62
C GLY A 146 16.00 10.71 -11.51
N SER A 147 15.87 9.75 -10.61
CA SER A 147 16.80 9.62 -9.50
C SER A 147 18.08 8.99 -9.99
N PRO A 148 19.25 9.58 -9.70
CA PRO A 148 20.51 9.08 -10.26
C PRO A 148 20.97 7.82 -9.56
N PRO A 149 21.95 7.12 -10.13
CA PRO A 149 22.28 5.77 -9.61
C PRO A 149 22.80 5.77 -8.19
N GLN A 150 23.44 6.85 -7.74
CA GLN A 150 23.97 6.88 -6.39
C GLN A 150 22.87 6.85 -5.34
N ASP A 151 21.62 7.14 -5.73
CA ASP A 151 20.53 7.14 -4.78
C ASP A 151 20.19 5.75 -4.24
N LYS A 152 20.57 4.68 -4.94
CA LYS A 152 20.36 3.35 -4.41
C LYS A 152 21.11 3.19 -3.08
N HIS A 153 22.40 3.53 -3.06
CA HIS A 153 23.15 3.45 -1.82
C HIS A 153 22.77 4.57 -0.85
N LEU A 154 22.53 5.77 -1.34
CA LEU A 154 22.19 6.86 -0.42
C LEU A 154 20.87 6.62 0.29
N PHE A 155 19.94 5.90 -0.34
CA PHE A 155 18.73 5.50 0.38
C PHE A 155 19.06 4.62 1.57
N THR A 156 19.98 3.65 1.40
CA THR A 156 20.41 2.84 2.53
C THR A 156 21.01 3.71 3.63
N VAL A 157 21.87 4.66 3.25
CA VAL A 157 22.50 5.56 4.22
C VAL A 157 21.43 6.32 5.00
N LEU A 158 20.46 6.88 4.29
CA LEU A 158 19.37 7.60 4.94
C LEU A 158 18.67 6.72 5.96
N VAL A 159 18.30 5.51 5.55
CA VAL A 159 17.54 4.64 6.45
C VAL A 159 18.37 4.26 7.68
N LYS A 160 19.66 3.93 7.48
CA LYS A 160 20.54 3.63 8.60
C LYS A 160 20.62 4.81 9.54
N GLU A 161 20.84 6.01 9.00
CA GLU A 161 20.94 7.19 9.85
C GLU A 161 19.63 7.47 10.56
N MET A 162 18.51 7.26 9.90
N MET A 162 18.51 7.27 9.88
CA MET A 162 17.23 7.50 10.54
CA MET A 162 17.20 7.48 10.49
C MET A 162 16.99 6.49 11.66
C MET A 162 16.96 6.49 11.63
N ARG A 163 17.23 5.21 11.37
CA ARG A 163 17.08 4.19 12.41
C ARG A 163 17.93 4.51 13.62
N GLU A 164 19.19 4.90 13.40
CA GLU A 164 20.08 5.23 14.51
C GLU A 164 19.57 6.44 15.29
N ALA A 165 19.09 7.47 14.57
CA ALA A 165 18.57 8.66 15.25
C ALA A 165 17.33 8.32 16.07
N PHE A 166 16.46 7.48 15.53
CA PHE A 166 15.29 7.03 16.28
C PHE A 166 15.69 6.24 17.51
N GLU A 167 16.66 5.34 17.38
CA GLU A 167 17.12 4.59 18.56
C GLU A 167 17.62 5.54 19.63
N GLN A 168 18.37 6.57 19.24
CA GLN A 168 18.94 7.49 20.20
C GLN A 168 17.86 8.34 20.86
N GLU A 169 16.89 8.81 20.09
CA GLU A 169 15.82 9.64 20.66
C GLU A 169 14.97 8.84 21.65
N ALA A 170 14.80 7.54 21.42
CA ALA A 170 14.03 6.72 22.34
C ALA A 170 14.71 6.66 23.71
N ILE A 171 16.03 6.48 23.70
CA ILE A 171 16.77 6.42 24.96
C ILE A 171 16.75 7.77 25.64
N GLU A 172 16.99 8.83 24.89
CA GLU A 172 17.09 10.17 25.47
C GLU A 172 15.76 10.64 26.04
N SER A 173 14.65 10.34 25.36
CA SER A 173 13.34 10.78 25.81
C SER A 173 12.67 9.75 26.70
N ASN A 174 13.25 8.57 26.82
CA ASN A 174 12.72 7.48 27.63
C ASN A 174 11.32 7.08 27.20
N ARG A 175 11.15 6.86 25.91
CA ARG A 175 9.90 6.48 25.30
C ARG A 175 10.12 5.37 24.29
N PRO A 176 9.09 4.62 23.94
CA PRO A 176 9.22 3.65 22.83
C PRO A 176 9.73 4.34 21.58
N ARG A 177 10.56 3.61 20.84
CA ARG A 177 11.23 4.15 19.68
C ARG A 177 10.28 4.36 18.51
N LEU A 178 10.46 5.50 17.84
CA LEU A 178 9.83 5.71 16.53
C LEU A 178 10.31 4.64 15.55
N MET A 179 9.41 4.22 14.68
N MET A 179 9.41 4.21 14.68
CA MET A 179 9.71 3.17 13.71
CA MET A 179 9.72 3.17 13.71
C MET A 179 9.99 3.78 12.34
C MET A 179 9.99 3.79 12.35
N VAL A 180 10.85 3.12 11.58
CA VAL A 180 11.13 3.51 10.20
C VAL A 180 10.79 2.34 9.29
N THR A 181 9.88 2.57 8.37
CA THR A 181 9.45 1.57 7.40
C THR A 181 9.57 2.17 6.01
N ALA A 182 9.41 1.33 5.00
CA ALA A 182 9.42 1.84 3.64
C ALA A 182 8.44 1.04 2.79
N ALA A 183 7.74 1.76 1.91
CA ALA A 183 6.98 1.16 0.83
C ALA A 183 7.93 1.02 -0.35
N VAL A 184 8.01 -0.17 -0.91
CA VAL A 184 9.03 -0.52 -1.88
C VAL A 184 8.41 -1.13 -3.12
N ALA A 185 9.15 -1.02 -4.22
CA ALA A 185 8.66 -1.42 -5.53
C ALA A 185 8.34 -2.91 -5.59
N GLY A 186 7.33 -3.22 -6.40
CA GLY A 186 7.00 -4.59 -6.74
C GLY A 186 7.48 -5.02 -8.12
N GLY A 187 8.03 -4.09 -8.90
CA GLY A 187 8.56 -4.41 -10.23
C GLY A 187 10.05 -4.72 -10.16
N ILE A 188 10.45 -5.78 -10.86
CA ILE A 188 11.80 -6.30 -10.66
C ILE A 188 12.85 -5.27 -11.10
N SER A 189 12.65 -4.61 -12.24
CA SER A 189 13.60 -3.61 -12.69
C SER A 189 13.77 -2.50 -11.65
N ASN A 190 12.67 -1.99 -11.10
CA ASN A 190 12.76 -0.94 -10.09
C ASN A 190 13.42 -1.45 -8.82
N ILE A 191 13.13 -2.70 -8.43
CA ILE A 191 13.77 -3.27 -7.25
C ILE A 191 15.28 -3.32 -7.44
N GLN A 192 15.73 -3.77 -8.61
CA GLN A 192 17.15 -3.95 -8.84
C GLN A 192 17.87 -2.61 -8.91
N ALA A 193 17.21 -1.59 -9.45
CA ALA A 193 17.83 -0.27 -9.53
C ALA A 193 17.77 0.50 -8.23
N GLY A 194 16.88 0.13 -7.30
CA GLY A 194 16.57 0.99 -6.18
C GLY A 194 17.14 0.61 -4.85
N TYR A 195 17.39 -0.69 -4.58
CA TYR A 195 17.52 -1.14 -3.20
C TYR A 195 18.71 -2.07 -3.00
N GLU A 196 19.47 -1.79 -1.97
CA GLU A 196 20.50 -2.69 -1.46
C GLU A 196 19.80 -3.54 -0.41
N ILE A 197 19.18 -4.64 -0.86
CA ILE A 197 18.21 -5.32 -0.02
C ILE A 197 18.80 -5.81 1.29
N PRO A 198 19.95 -6.48 1.32
CA PRO A 198 20.45 -6.98 2.62
C PRO A 198 20.68 -5.89 3.65
N GLU A 199 21.38 -4.81 3.30
CA GLU A 199 21.67 -3.79 4.30
C GLU A 199 20.43 -2.97 4.62
N LEU A 200 19.66 -2.60 3.60
CA LEU A 200 18.44 -1.87 3.83
C LEU A 200 17.52 -2.62 4.79
N SER A 201 17.41 -3.93 4.60
CA SER A 201 16.50 -4.72 5.41
C SER A 201 16.94 -4.81 6.86
N LYS A 202 18.24 -4.63 7.13
CA LYS A 202 18.71 -4.63 8.51
C LYS A 202 18.17 -3.44 9.30
N TYR A 203 18.03 -2.29 8.64
CA TYR A 203 17.69 -1.05 9.35
C TYR A 203 16.22 -0.69 9.28
N LEU A 204 15.51 -1.09 8.24
CA LEU A 204 14.07 -0.90 8.23
C LEU A 204 13.43 -1.80 9.27
N ASP A 205 12.39 -1.30 9.89
CA ASP A 205 11.59 -2.13 10.79
C ASP A 205 10.65 -3.04 10.01
N PHE A 206 10.03 -2.53 8.95
CA PHE A 206 9.17 -3.31 8.09
C PHE A 206 9.30 -2.82 6.65
N ILE A 207 8.99 -3.71 5.72
CA ILE A 207 9.14 -3.51 4.28
C ILE A 207 7.78 -3.76 3.67
N HIS A 208 7.15 -2.71 3.15
CA HIS A 208 5.78 -2.74 2.64
C HIS A 208 5.88 -2.89 1.13
N VAL A 209 5.71 -4.11 0.62
CA VAL A 209 5.97 -4.37 -0.80
C VAL A 209 4.71 -4.10 -1.62
N MET A 210 4.86 -3.29 -2.67
N MET A 210 4.85 -3.26 -2.64
CA MET A 210 3.73 -2.84 -3.49
CA MET A 210 3.71 -2.85 -3.47
C MET A 210 3.42 -3.91 -4.55
C MET A 210 3.43 -3.91 -4.54
N THR A 211 2.89 -5.04 -4.06
CA THR A 211 2.49 -6.14 -4.93
C THR A 211 1.10 -5.91 -5.52
N TYR A 212 1.00 -4.84 -6.30
CA TYR A 212 -0.21 -4.46 -7.01
C TYR A 212 0.19 -3.53 -8.15
N ASP A 213 -0.78 -3.14 -8.96
CA ASP A 213 -0.50 -2.48 -10.24
C ASP A 213 0.43 -3.33 -11.10
N LEU A 214 0.27 -4.65 -11.02
CA LEU A 214 1.18 -5.53 -11.74
C LEU A 214 0.80 -5.67 -13.21
N HIS A 215 -0.43 -5.33 -13.55
CA HIS A 215 -0.88 -5.21 -14.92
C HIS A 215 -1.83 -4.02 -15.00
N GLY A 216 -2.01 -3.50 -16.20
CA GLY A 216 -2.88 -2.36 -16.41
C GLY A 216 -3.02 -2.08 -17.88
N SER A 217 -3.93 -1.16 -18.20
CA SER A 217 -4.28 -0.89 -19.57
C SER A 217 -3.09 -0.36 -20.37
N TRP A 218 -2.08 0.19 -19.70
CA TRP A 218 -0.90 0.68 -20.42
C TRP A 218 -0.19 -0.44 -21.18
N GLU A 219 -0.41 -1.70 -20.81
CA GLU A 219 0.20 -2.81 -21.53
C GLU A 219 -0.52 -3.16 -22.82
N GLY A 220 -1.74 -2.68 -23.03
CA GLY A 220 -2.49 -2.94 -24.24
C GLY A 220 -3.30 -4.22 -24.23
N TYR A 221 -3.34 -4.93 -23.11
N TYR A 221 -3.35 -4.93 -23.10
CA TYR A 221 -4.15 -6.13 -22.99
CA TYR A 221 -4.10 -6.16 -22.97
C TYR A 221 -4.60 -6.28 -21.55
C TYR A 221 -4.61 -6.27 -21.55
N THR A 222 -5.65 -7.06 -21.35
CA THR A 222 -6.19 -7.25 -20.02
C THR A 222 -5.23 -8.08 -19.16
N GLY A 223 -5.21 -7.77 -17.88
CA GLY A 223 -4.39 -8.49 -16.93
C GLY A 223 -4.80 -8.11 -15.53
N GLU A 224 -4.38 -8.92 -14.56
CA GLU A 224 -4.81 -8.77 -13.18
C GLU A 224 -3.96 -7.79 -12.40
N ASN A 225 -4.59 -7.15 -11.42
CA ASN A 225 -3.92 -6.10 -10.65
C ASN A 225 -2.93 -6.69 -9.67
N SER A 226 -3.32 -7.76 -8.97
CA SER A 226 -2.49 -8.37 -7.93
C SER A 226 -2.68 -9.89 -7.99
N PRO A 227 -2.31 -10.51 -9.10
CA PRO A 227 -2.42 -11.97 -9.19
C PRO A 227 -1.42 -12.64 -8.26
N LEU A 228 -1.83 -13.75 -7.65
CA LEU A 228 -0.93 -14.45 -6.73
C LEU A 228 0.15 -15.19 -7.48
N TYR A 229 -0.19 -15.80 -8.61
CA TYR A 229 0.75 -16.56 -9.42
C TYR A 229 0.68 -16.07 -10.87
N LYS A 230 1.63 -16.53 -11.67
CA LYS A 230 1.64 -16.18 -13.08
C LYS A 230 0.45 -16.77 -13.81
N TYR A 231 0.08 -16.14 -14.91
CA TYR A 231 -0.86 -16.74 -15.84
C TYR A 231 -0.13 -17.78 -16.68
N PRO A 232 -0.81 -18.85 -17.10
CA PRO A 232 -0.07 -19.98 -17.71
C PRO A 232 0.72 -19.61 -18.97
N THR A 233 0.29 -18.59 -19.71
CA THR A 233 1.01 -18.20 -20.92
C THR A 233 2.26 -17.38 -20.65
N GLU A 234 2.45 -16.88 -19.43
CA GLU A 234 3.49 -15.89 -19.18
C GLU A 234 4.86 -16.54 -19.05
N THR A 235 5.83 -15.97 -19.76
CA THR A 235 7.21 -16.43 -19.74
C THR A 235 8.11 -15.21 -19.66
N GLY A 236 9.42 -15.47 -19.56
CA GLY A 236 10.38 -14.38 -19.48
C GLY A 236 10.05 -13.47 -18.30
N SER A 237 10.27 -12.17 -18.51
CA SER A 237 10.00 -11.21 -17.45
C SER A 237 8.51 -11.08 -17.12
N ASN A 238 7.63 -11.51 -18.02
CA ASN A 238 6.21 -11.48 -17.69
C ASN A 238 5.88 -12.44 -16.55
N ALA A 239 6.71 -13.46 -16.33
CA ALA A 239 6.50 -14.42 -15.26
C ALA A 239 6.85 -13.85 -13.89
N TYR A 240 7.36 -12.62 -13.81
CA TYR A 240 7.65 -12.00 -12.52
C TYR A 240 6.49 -11.17 -11.99
N LEU A 241 5.44 -10.98 -12.79
CA LEU A 241 4.36 -10.05 -12.47
C LEU A 241 3.28 -10.72 -11.62
N ASN A 242 3.67 -11.18 -10.44
CA ASN A 242 2.73 -11.82 -9.54
C ASN A 242 3.27 -11.74 -8.12
N VAL A 243 2.35 -11.80 -7.15
CA VAL A 243 2.67 -11.58 -5.75
C VAL A 243 3.70 -12.61 -5.27
N ASP A 244 3.49 -13.88 -5.61
CA ASP A 244 4.38 -14.93 -5.13
C ASP A 244 5.82 -14.70 -5.60
N TYR A 245 6.01 -14.37 -6.88
CA TYR A 245 7.36 -14.15 -7.37
C TYR A 245 8.00 -12.96 -6.67
N VAL A 246 7.25 -11.86 -6.55
CA VAL A 246 7.82 -10.62 -6.02
C VAL A 246 8.21 -10.79 -4.54
N MET A 247 7.31 -11.36 -3.73
CA MET A 247 7.64 -11.52 -2.31
C MET A 247 8.83 -12.44 -2.13
N ASN A 248 8.88 -13.53 -2.91
CA ASN A 248 10.02 -14.44 -2.81
C ASN A 248 11.29 -13.81 -3.33
N TYR A 249 11.20 -12.89 -4.30
CA TYR A 249 12.39 -12.20 -4.76
C TYR A 249 13.00 -11.37 -3.63
N TRP A 250 12.15 -10.60 -2.94
CA TRP A 250 12.62 -9.84 -1.79
C TRP A 250 13.26 -10.76 -0.75
N LYS A 251 12.59 -11.86 -0.41
CA LYS A 251 13.11 -12.76 0.61
C LYS A 251 14.44 -13.38 0.15
N ASN A 252 14.47 -13.86 -1.09
CA ASN A 252 15.65 -14.58 -1.55
C ASN A 252 16.85 -13.67 -1.72
N ASN A 253 16.63 -12.35 -1.81
CA ASN A 253 17.72 -11.41 -2.03
C ASN A 253 18.07 -10.63 -0.78
N GLY A 254 17.61 -11.09 0.39
CA GLY A 254 18.16 -10.60 1.64
C GLY A 254 17.17 -10.14 2.69
N ALA A 255 15.89 -10.01 2.34
CA ALA A 255 14.95 -9.47 3.32
C ALA A 255 14.38 -10.59 4.18
N PRO A 256 14.37 -10.44 5.50
CA PRO A 256 13.77 -11.48 6.35
C PRO A 256 12.26 -11.54 6.16
N ALA A 257 11.74 -12.76 6.13
CA ALA A 257 10.30 -12.93 5.91
C ALA A 257 9.47 -12.16 6.91
N GLU A 258 9.93 -12.11 8.18
CA GLU A 258 9.12 -11.48 9.22
C GLU A 258 9.01 -9.97 9.04
N LYS A 259 9.92 -9.34 8.30
CA LYS A 259 9.82 -7.92 8.02
C LYS A 259 9.05 -7.62 6.75
N LEU A 260 8.79 -8.64 5.93
CA LEU A 260 8.13 -8.44 4.65
C LEU A 260 6.62 -8.41 4.82
N ILE A 261 6.00 -7.37 4.28
CA ILE A 261 4.57 -7.14 4.38
C ILE A 261 4.01 -7.15 2.95
N VAL A 262 3.02 -8.00 2.73
CA VAL A 262 2.47 -8.21 1.40
C VAL A 262 1.44 -7.14 1.09
N GLY A 263 1.52 -6.55 -0.11
CA GLY A 263 0.56 -5.51 -0.50
C GLY A 263 -0.74 -6.08 -1.04
N PHE A 264 -1.86 -5.57 -0.53
CA PHE A 264 -3.21 -5.97 -0.94
C PHE A 264 -3.96 -4.75 -1.45
N PRO A 265 -4.43 -4.74 -2.71
CA PRO A 265 -5.19 -3.58 -3.22
C PRO A 265 -6.68 -3.72 -2.97
N GLU A 266 -7.29 -2.66 -2.45
CA GLU A 266 -8.76 -2.59 -2.28
C GLU A 266 -9.39 -1.81 -3.41
N TYR A 267 -8.84 -2.00 -4.60
CA TYR A 267 -9.28 -1.36 -5.83
C TYR A 267 -8.93 -2.29 -6.97
N GLY A 268 -9.48 -2.00 -8.15
CA GLY A 268 -9.16 -2.76 -9.35
C GLY A 268 -8.83 -1.83 -10.51
N HIS A 269 -8.33 -2.42 -11.58
CA HIS A 269 -8.04 -1.69 -12.81
C HIS A 269 -9.04 -2.04 -13.89
N THR A 270 -9.43 -1.01 -14.66
CA THR A 270 -10.42 -1.16 -15.70
C THR A 270 -9.79 -0.95 -17.08
N PHE A 271 -10.42 -1.58 -18.06
CA PHE A 271 -9.93 -1.61 -19.43
C PHE A 271 -11.13 -1.56 -20.36
N ILE A 272 -10.92 -1.05 -21.56
CA ILE A 272 -11.88 -1.20 -22.66
C ILE A 272 -11.40 -2.29 -23.60
N LEU A 273 -12.23 -3.31 -23.80
CA LEU A 273 -11.88 -4.39 -24.71
C LEU A 273 -11.99 -3.94 -26.16
N ARG A 274 -10.96 -4.23 -26.95
CA ARG A 274 -11.03 -3.91 -28.38
C ARG A 274 -12.06 -4.81 -29.09
N ASN A 275 -12.22 -6.04 -28.63
CA ASN A 275 -13.16 -6.99 -29.20
C ASN A 275 -13.96 -7.59 -28.05
N PRO A 276 -15.23 -7.25 -27.89
CA PRO A 276 -15.97 -7.74 -26.72
C PRO A 276 -16.11 -9.26 -26.66
N SER A 277 -15.92 -9.97 -27.78
CA SER A 277 -15.94 -11.43 -27.76
C SER A 277 -14.68 -12.02 -27.16
N ASP A 278 -13.60 -11.24 -27.06
CA ASP A 278 -12.36 -11.67 -26.44
C ASP A 278 -12.30 -10.96 -25.09
N ASN A 279 -12.69 -11.67 -24.04
CA ASN A 279 -12.88 -11.07 -22.72
C ASN A 279 -12.18 -11.87 -21.61
N GLY A 280 -11.21 -12.70 -21.95
CA GLY A 280 -10.38 -13.36 -20.97
C GLY A 280 -9.16 -12.53 -20.62
N ILE A 281 -8.20 -13.19 -19.97
CA ILE A 281 -6.90 -12.60 -19.70
C ILE A 281 -6.13 -12.47 -21.01
N GLY A 282 -5.41 -11.35 -21.16
CA GLY A 282 -4.63 -11.16 -22.37
C GLY A 282 -5.40 -10.67 -23.56
N ALA A 283 -6.62 -10.24 -23.37
CA ALA A 283 -7.43 -9.74 -24.47
C ALA A 283 -6.98 -8.32 -24.82
N PRO A 284 -6.88 -7.99 -26.11
CA PRO A 284 -6.43 -6.64 -26.48
C PRO A 284 -7.39 -5.57 -25.99
N THR A 285 -6.83 -4.45 -25.58
CA THR A 285 -7.60 -3.35 -25.00
C THR A 285 -7.25 -2.04 -25.68
N SER A 286 -8.16 -1.08 -25.54
CA SER A 286 -8.05 0.22 -26.18
C SER A 286 -7.77 1.36 -25.21
N GLY A 287 -7.60 1.07 -23.94
CA GLY A 287 -7.28 2.08 -22.95
C GLY A 287 -8.00 1.81 -21.64
N ASP A 288 -7.93 2.81 -20.76
CA ASP A 288 -8.57 2.71 -19.46
C ASP A 288 -10.07 2.60 -19.59
N GLY A 289 -10.69 1.89 -18.64
CA GLY A 289 -12.13 1.95 -18.48
C GLY A 289 -12.59 3.29 -17.92
N PRO A 290 -13.89 3.49 -17.87
CA PRO A 290 -14.44 4.81 -17.48
C PRO A 290 -14.27 5.09 -16.01
N ALA A 291 -14.00 6.35 -15.69
CA ALA A 291 -13.82 6.74 -14.30
C ALA A 291 -15.08 6.47 -13.51
N GLY A 292 -14.90 6.06 -12.26
CA GLY A 292 -16.01 5.91 -11.35
C GLY A 292 -16.49 7.26 -10.84
N PRO A 293 -17.74 7.33 -10.38
CA PRO A 293 -18.30 8.62 -9.96
C PRO A 293 -17.76 9.13 -8.66
N TYR A 294 -17.08 8.29 -7.87
CA TYR A 294 -16.52 8.70 -6.59
C TYR A 294 -15.02 8.94 -6.66
N THR A 295 -14.27 7.99 -7.21
CA THR A 295 -12.82 8.14 -7.29
C THR A 295 -12.40 8.97 -8.51
N ARG A 296 -13.22 9.02 -9.55
CA ARG A 296 -13.02 9.95 -10.67
C ARG A 296 -11.62 9.85 -11.26
N GLN A 297 -11.17 8.61 -11.51
CA GLN A 297 -9.87 8.33 -12.10
C GLN A 297 -10.03 7.22 -13.12
N ALA A 298 -9.93 7.55 -14.39
CA ALA A 298 -10.02 6.55 -15.43
C ALA A 298 -9.00 5.45 -15.18
N GLY A 299 -9.43 4.21 -15.34
CA GLY A 299 -8.57 3.05 -15.19
C GLY A 299 -8.57 2.43 -13.82
N PHE A 300 -9.29 3.01 -12.85
CA PHE A 300 -9.24 2.66 -11.46
C PHE A 300 -10.66 2.70 -10.90
N TRP A 301 -11.04 1.69 -10.11
CA TRP A 301 -12.27 1.75 -9.32
C TRP A 301 -12.00 1.27 -7.90
N ALA A 302 -12.56 1.96 -6.92
CA ALA A 302 -12.57 1.46 -5.55
C ALA A 302 -13.41 0.20 -5.46
N TYR A 303 -13.18 -0.60 -4.43
CA TYR A 303 -13.97 -1.81 -4.25
C TYR A 303 -15.46 -1.50 -4.19
N TYR A 304 -15.87 -0.40 -3.53
CA TYR A 304 -17.30 -0.11 -3.48
C TYR A 304 -17.84 0.23 -4.87
N GLU A 305 -17.03 0.86 -5.72
CA GLU A 305 -17.44 1.12 -7.09
C GLU A 305 -17.49 -0.18 -7.89
N ILE A 306 -16.57 -1.10 -7.60
CA ILE A 306 -16.59 -2.41 -8.24
C ILE A 306 -17.92 -3.12 -7.97
N CYS A 307 -18.40 -3.08 -6.72
CA CYS A 307 -19.64 -3.78 -6.41
C CYS A 307 -20.79 -3.24 -7.24
N THR A 308 -20.84 -1.93 -7.46
CA THR A 308 -21.88 -1.38 -8.31
C THR A 308 -21.82 -1.98 -9.71
N PHE A 309 -20.60 -2.12 -10.25
CA PHE A 309 -20.42 -2.73 -11.56
C PHE A 309 -20.88 -4.18 -11.57
N LEU A 310 -20.44 -4.96 -10.58
CA LEU A 310 -20.79 -6.37 -10.53
C LEU A 310 -22.30 -6.58 -10.45
N ARG A 311 -23.01 -5.71 -9.74
CA ARG A 311 -24.43 -5.87 -9.54
C ARG A 311 -25.26 -5.32 -10.70
N SER A 312 -24.62 -4.73 -11.70
CA SER A 312 -25.29 -4.09 -12.82
C SER A 312 -25.21 -4.91 -14.10
N GLY A 313 -24.99 -6.21 -14.00
CA GLY A 313 -25.01 -7.09 -15.16
C GLY A 313 -23.66 -7.60 -15.63
N ALA A 314 -22.59 -7.35 -14.89
CA ALA A 314 -21.30 -7.86 -15.29
C ALA A 314 -21.23 -9.37 -15.08
N THR A 315 -20.39 -10.02 -15.87
CA THR A 315 -20.09 -11.43 -15.72
C THR A 315 -18.79 -11.57 -14.94
N GLU A 316 -18.83 -12.31 -13.83
N GLU A 316 -18.84 -12.31 -13.84
CA GLU A 316 -17.66 -12.55 -13.01
CA GLU A 316 -17.67 -12.57 -13.00
C GLU A 316 -17.05 -13.90 -13.33
C GLU A 316 -17.06 -13.91 -13.35
N VAL A 317 -15.73 -13.94 -13.47
CA VAL A 317 -14.97 -15.14 -13.76
C VAL A 317 -13.88 -15.28 -12.71
N TRP A 318 -13.69 -16.47 -12.19
CA TRP A 318 -12.57 -16.77 -11.31
C TRP A 318 -11.37 -17.18 -12.17
N ASP A 319 -10.28 -16.42 -12.06
CA ASP A 319 -9.03 -16.69 -12.78
C ASP A 319 -8.28 -17.67 -11.88
N ALA A 320 -8.48 -18.97 -12.14
CA ALA A 320 -8.05 -19.99 -11.19
C ALA A 320 -6.53 -20.07 -11.09
N SER A 321 -5.81 -19.85 -12.19
CA SER A 321 -4.35 -19.94 -12.12
C SER A 321 -3.76 -18.85 -11.25
N GLN A 322 -4.45 -17.71 -11.13
CA GLN A 322 -3.90 -16.56 -10.44
C GLN A 322 -4.61 -16.26 -9.13
N GLU A 323 -5.70 -16.97 -8.83
CA GLU A 323 -6.42 -16.84 -7.56
C GLU A 323 -7.01 -15.44 -7.36
N VAL A 324 -7.50 -14.85 -8.44
CA VAL A 324 -8.16 -13.55 -8.38
C VAL A 324 -9.34 -13.56 -9.33
N PRO A 325 -10.32 -12.69 -9.09
CA PRO A 325 -11.46 -12.58 -9.99
C PRO A 325 -11.19 -11.56 -11.10
N TYR A 326 -11.93 -11.71 -12.20
CA TYR A 326 -12.10 -10.63 -13.15
C TYR A 326 -13.57 -10.57 -13.54
N ALA A 327 -13.96 -9.48 -14.17
CA ALA A 327 -15.35 -9.29 -14.54
C ALA A 327 -15.43 -8.43 -15.78
N TYR A 328 -16.48 -8.63 -16.55
CA TYR A 328 -16.64 -7.87 -17.78
C TYR A 328 -18.11 -7.62 -18.03
N LYS A 329 -18.37 -6.57 -18.79
CA LYS A 329 -19.73 -6.20 -19.20
C LYS A 329 -19.56 -5.48 -20.53
N ALA A 330 -20.07 -6.09 -21.61
CA ALA A 330 -19.88 -5.52 -22.94
C ALA A 330 -18.39 -5.28 -23.17
N ASN A 331 -17.99 -4.04 -23.44
CA ASN A 331 -16.58 -3.77 -23.73
C ASN A 331 -15.78 -3.31 -22.51
N GLU A 332 -16.33 -3.40 -21.31
CA GLU A 332 -15.60 -3.05 -20.10
C GLU A 332 -15.10 -4.30 -19.37
N TRP A 333 -13.85 -4.25 -18.92
CA TRP A 333 -13.20 -5.37 -18.28
C TRP A 333 -12.48 -4.88 -17.04
N LEU A 334 -12.56 -5.67 -15.97
CA LEU A 334 -12.05 -5.30 -14.66
C LEU A 334 -11.22 -6.42 -14.08
N GLY A 335 -9.99 -6.09 -13.66
CA GLY A 335 -9.15 -6.98 -12.89
C GLY A 335 -9.08 -6.46 -11.46
N TYR A 336 -9.37 -7.34 -10.49
CA TYR A 336 -9.62 -6.83 -9.15
C TYR A 336 -9.42 -7.93 -8.12
N ASP A 337 -9.75 -7.60 -6.87
CA ASP A 337 -9.69 -8.52 -5.74
C ASP A 337 -11.01 -8.47 -4.99
N ASN A 338 -11.37 -9.61 -4.43
CA ASN A 338 -12.59 -9.72 -3.63
C ASN A 338 -12.31 -10.47 -2.34
N ILE A 339 -13.37 -10.83 -1.60
CA ILE A 339 -13.17 -11.51 -0.32
C ILE A 339 -12.43 -12.82 -0.53
N LYS A 340 -12.80 -13.55 -1.59
CA LYS A 340 -12.18 -14.84 -1.85
C LYS A 340 -10.69 -14.68 -2.13
N SER A 341 -10.31 -13.74 -2.99
CA SER A 341 -8.90 -13.61 -3.32
C SER A 341 -8.11 -13.08 -2.11
N PHE A 342 -8.69 -12.15 -1.37
CA PHE A 342 -8.02 -11.72 -0.14
C PHE A 342 -7.81 -12.90 0.80
N SER A 343 -8.81 -13.78 0.91
CA SER A 343 -8.70 -14.93 1.80
C SER A 343 -7.60 -15.88 1.34
N VAL A 344 -7.58 -16.18 0.04
CA VAL A 344 -6.56 -17.07 -0.52
C VAL A 344 -5.17 -16.49 -0.30
N LYS A 345 -4.99 -15.21 -0.56
CA LYS A 345 -3.67 -14.61 -0.42
C LYS A 345 -3.26 -14.49 1.02
N ALA A 346 -4.21 -14.28 1.93
CA ALA A 346 -3.89 -14.27 3.36
C ALA A 346 -3.45 -15.65 3.84
N GLN A 347 -4.14 -16.70 3.40
N GLN A 347 -4.14 -16.70 3.40
CA GLN A 347 -3.71 -18.05 3.72
CA GLN A 347 -3.70 -18.05 3.73
C GLN A 347 -2.30 -18.29 3.20
C GLN A 347 -2.29 -18.31 3.21
N TRP A 348 -2.02 -17.87 1.97
CA TRP A 348 -0.69 -18.04 1.40
C TRP A 348 0.38 -17.28 2.18
N LEU A 349 0.09 -16.05 2.61
CA LEU A 349 1.12 -15.28 3.31
C LEU A 349 1.45 -15.91 4.65
N LYS A 350 0.45 -16.45 5.35
CA LYS A 350 0.73 -17.18 6.59
C LYS A 350 1.55 -18.44 6.31
N GLN A 351 1.19 -19.19 5.27
CA GLN A 351 1.97 -20.37 4.92
C GLN A 351 3.42 -20.02 4.65
N ASN A 352 3.69 -18.80 4.19
CA ASN A 352 5.04 -18.38 3.84
C ASN A 352 5.71 -17.56 4.94
N ASN A 353 5.07 -17.47 6.10
CA ASN A 353 5.67 -16.86 7.29
C ASN A 353 6.04 -15.40 7.08
N PHE A 354 5.31 -14.68 6.23
CA PHE A 354 5.54 -13.26 6.12
C PHE A 354 5.01 -12.52 7.34
N GLY A 355 5.39 -11.26 7.46
CA GLY A 355 5.04 -10.50 8.64
C GLY A 355 3.61 -10.03 8.71
N GLY A 356 2.90 -10.05 7.59
CA GLY A 356 1.54 -9.58 7.56
C GLY A 356 1.21 -8.99 6.21
N ALA A 357 0.17 -8.16 6.22
CA ALA A 357 -0.38 -7.58 5.02
C ALA A 357 -0.50 -6.08 5.20
N MET A 358 -0.45 -5.37 4.09
N MET A 358 -0.43 -5.37 4.08
CA MET A 358 -0.78 -3.95 4.03
CA MET A 358 -0.75 -3.95 4.00
C MET A 358 -1.83 -3.74 2.95
C MET A 358 -1.87 -3.77 2.98
N ILE A 359 -2.75 -2.81 3.20
N ILE A 359 -2.66 -2.73 3.19
CA ILE A 359 -3.83 -2.52 2.27
CA ILE A 359 -3.81 -2.44 2.34
C ILE A 359 -3.67 -1.10 1.72
C ILE A 359 -3.63 -1.06 1.73
N TRP A 360 -3.75 -0.99 0.40
CA TRP A 360 -3.92 0.28 -0.29
C TRP A 360 -5.34 0.26 -0.85
N ALA A 361 -6.26 0.99 -0.26
CA ALA A 361 -6.18 1.87 0.91
C ALA A 361 -7.55 1.71 1.60
N ILE A 362 -7.60 1.98 2.90
CA ILE A 362 -8.80 1.66 3.66
C ILE A 362 -9.99 2.48 3.19
N ASP A 363 -9.75 3.68 2.63
CA ASP A 363 -10.81 4.52 2.11
C ASP A 363 -11.44 4.00 0.81
N LEU A 364 -10.89 2.94 0.23
CA LEU A 364 -11.42 2.32 -0.98
C LEU A 364 -12.28 1.10 -0.69
N ASP A 365 -12.27 0.60 0.55
CA ASP A 365 -13.13 -0.49 0.97
C ASP A 365 -14.56 0.01 1.02
N ASP A 366 -15.52 -0.91 1.10
CA ASP A 366 -16.92 -0.52 1.30
C ASP A 366 -17.13 -0.21 2.79
N PHE A 367 -16.60 0.95 3.20
CA PHE A 367 -16.59 1.29 4.63
C PHE A 367 -18.00 1.50 5.18
N THR A 368 -18.94 1.99 4.37
CA THR A 368 -20.31 2.16 4.84
C THR A 368 -21.08 0.84 4.81
N GLY A 369 -20.62 -0.12 4.02
CA GLY A 369 -21.34 -1.35 3.81
C GLY A 369 -22.52 -1.25 2.87
N SER A 370 -22.75 -0.10 2.26
CA SER A 370 -23.98 0.12 1.51
C SER A 370 -23.85 -0.16 0.01
N PHE A 371 -22.66 -0.50 -0.47
CA PHE A 371 -22.46 -0.78 -1.88
C PHE A 371 -22.41 -2.26 -2.21
N CYS A 372 -21.86 -3.07 -1.30
CA CYS A 372 -21.52 -4.46 -1.61
C CYS A 372 -22.37 -5.48 -0.89
N ASP A 373 -23.15 -5.07 0.11
CA ASP A 373 -23.97 -6.02 0.87
C ASP A 373 -23.10 -7.11 1.49
N GLN A 374 -21.90 -6.73 1.95
CA GLN A 374 -20.96 -7.66 2.56
C GLN A 374 -20.51 -7.20 3.94
N GLY A 375 -21.25 -6.28 4.56
CA GLY A 375 -20.87 -5.74 5.84
C GLY A 375 -19.94 -4.54 5.70
N LYS A 376 -19.65 -3.90 6.83
CA LYS A 376 -18.74 -2.77 6.82
C LYS A 376 -17.30 -3.24 6.63
N PHE A 377 -16.54 -2.51 5.82
CA PHE A 377 -15.14 -2.83 5.57
C PHE A 377 -14.96 -4.30 5.19
N PRO A 378 -15.63 -4.77 4.14
CA PRO A 378 -15.56 -6.21 3.85
C PRO A 378 -14.16 -6.72 3.53
N LEU A 379 -13.37 -5.97 2.74
CA LEU A 379 -12.05 -6.48 2.41
C LEU A 379 -11.12 -6.38 3.60
N THR A 380 -11.15 -5.27 4.33
CA THR A 380 -10.26 -5.10 5.47
C THR A 380 -10.64 -6.07 6.58
N SER A 381 -11.93 -6.25 6.82
N SER A 381 -11.93 -6.25 6.82
CA SER A 381 -12.38 -7.22 7.82
CA SER A 381 -12.39 -7.22 7.82
C SER A 381 -11.92 -8.63 7.45
C SER A 381 -11.95 -8.64 7.46
N THR A 382 -11.93 -8.97 6.16
CA THR A 382 -11.47 -10.29 5.74
C THR A 382 -10.03 -10.53 6.19
N LEU A 383 -9.15 -9.54 6.01
CA LEU A 383 -7.78 -9.71 6.44
C LEU A 383 -7.64 -9.69 7.95
N ASN A 384 -8.43 -8.84 8.64
CA ASN A 384 -8.39 -8.83 10.09
C ASN A 384 -8.71 -10.22 10.63
N LYS A 385 -9.72 -10.87 10.06
CA LYS A 385 -10.11 -12.19 10.54
C LYS A 385 -9.09 -13.25 10.15
N ALA A 386 -8.57 -13.17 8.93
CA ALA A 386 -7.65 -14.19 8.46
C ALA A 386 -6.31 -14.13 9.20
N LEU A 387 -5.91 -12.95 9.65
CA LEU A 387 -4.58 -12.78 10.25
C LEU A 387 -4.63 -12.70 11.77
N GLY A 388 -5.79 -12.97 12.38
CA GLY A 388 -5.88 -12.98 13.83
C GLY A 388 -5.63 -11.63 14.45
N ILE A 389 -6.06 -10.56 13.78
CA ILE A 389 -5.75 -9.22 14.27
C ILE A 389 -6.58 -8.89 15.51
N SER A 390 -7.85 -9.28 15.51
CA SER A 390 -8.74 -9.01 16.64
C SER A 390 -8.74 -10.23 17.56
N THR A 391 -7.61 -10.38 18.27
CA THR A 391 -7.40 -11.49 19.18
C THR A 391 -6.57 -11.02 20.37
N HIS A 392 -6.65 -11.79 21.46
CA HIS A 392 -5.83 -11.54 22.64
C HIS A 392 -5.21 -12.86 23.10
N HIS A 393 -4.09 -12.74 23.81
CA HIS A 393 -3.38 -13.89 24.35
C HIS A 393 -3.53 -13.95 25.87
N HIS A 394 -2.95 -13.02 26.59
CA HIS A 394 -3.01 -13.03 28.05
C HIS A 394 -4.19 -12.21 28.54
N HIS A 395 -4.80 -12.65 29.63
CA HIS A 395 -5.84 -11.86 30.28
C HIS A 395 -5.23 -10.53 30.72
N HIS A 396 -6.07 -9.49 30.72
CA HIS A 396 -5.57 -8.14 30.96
C HIS A 396 -6.69 -7.28 31.51
N HIS A 397 -6.28 -6.17 32.15
CA HIS A 397 -7.19 -5.16 32.65
C HIS A 397 -7.77 -4.38 31.47
MG MG B . -6.08 7.23 -6.13
#